data_2CJU
#
_entry.id   2CJU
#
_cell.length_a   51.970
_cell.length_b   74.190
_cell.length_c   134.180
_cell.angle_alpha   90.00
_cell.angle_beta   90.00
_cell.angle_gamma   90.00
#
_symmetry.space_group_name_H-M   'I 21 21 21'
#
loop_
_entity.id
_entity.type
_entity.pdbx_description
1 polymer 'NQ16-113.8 ANTI-PHOX ANTIBODY'
2 polymer 'NQ16-113.8 ANTI-PHOX ANTIBODY'
3 non-polymer '4-{[(Z)-(5-OXO-2-PHENYL-1,3-OXAZOL-4(5H)-YLIDENE)METHYL]AMINO}BUTANOIC ACID'
4 water water
#
loop_
_entity_poly.entity_id
_entity_poly.type
_entity_poly.pdbx_seq_one_letter_code
_entity_poly.pdbx_strand_id
1 'polypeptide(L)'
;EVKLVESGGGLVQPGGSLRLSCATSGFTFTNYYMNWVRQPPGKALEWLVSIRNKANGYTTDYSASVKGRFTISRDNSQSI
LYLEMNNLRAEDSATYYCARGYGYGAWFAYWGQGTLVTVSA
;
H
2 'polypeptide(L)'
;QVLMTQTPLSLPVSLGDQASISCRSSQSIVHSNGNTYLEWYLQKPGQSPKLLIYKVSNRFSGVPDRFSGSGSGTDFTLKI
SRVEAEDLGVYYCFQGSHVPYTFGGGTKLEIKR
;
L
#
loop_
_chem_comp.id
_chem_comp.type
_chem_comp.name
_chem_comp.formula
PHX non-polymer '4-{[(Z)-(5-OXO-2-PHENYL-1,3-OXAZOL-4(5H)-YLIDENE)METHYL]AMINO}BUTANOIC ACID' 'C14 H14 N2 O4'
#
# COMPACT_ATOMS: atom_id res chain seq x y z
N GLU A 1 -2.86 14.92 -13.49
CA GLU A 1 -3.38 15.98 -12.63
C GLU A 1 -3.07 15.70 -11.16
N VAL A 2 -3.21 14.46 -10.72
CA VAL A 2 -2.92 14.11 -9.32
C VAL A 2 -1.43 13.90 -9.10
N LYS A 3 -0.86 14.67 -8.16
CA LYS A 3 0.56 14.57 -7.85
C LYS A 3 0.84 14.38 -6.37
N LEU A 4 1.78 13.49 -6.08
CA LEU A 4 2.21 13.18 -4.74
C LEU A 4 3.73 13.12 -4.89
N VAL A 5 4.43 13.90 -4.07
CA VAL A 5 5.88 13.90 -4.13
C VAL A 5 6.44 13.87 -2.72
N GLU A 6 7.06 12.75 -2.33
CA GLU A 6 7.64 12.63 -1.00
C GLU A 6 8.98 13.36 -0.91
N SER A 7 9.50 13.47 0.31
CA SER A 7 10.78 14.13 0.58
C SER A 7 11.03 14.12 2.08
N GLY A 8 12.29 13.95 2.49
CA GLY A 8 12.63 13.94 3.90
C GLY A 8 13.43 12.72 4.36
N GLY A 9 13.70 11.80 3.45
CA GLY A 9 14.47 10.63 3.82
C GLY A 9 15.90 10.98 4.17
N GLY A 10 16.82 10.05 3.96
CA GLY A 10 18.21 10.34 4.26
C GLY A 10 18.94 9.25 5.01
N LEU A 11 20.15 9.58 5.45
CA LEU A 11 20.97 8.64 6.19
C LEU A 11 20.98 9.10 7.63
N VAL A 12 20.77 8.18 8.56
CA VAL A 12 20.72 8.56 9.97
C VAL A 12 21.11 7.43 10.92
N GLN A 13 21.77 7.80 12.02
CA GLN A 13 22.21 6.81 13.00
C GLN A 13 21.06 6.46 13.93
N PRO A 14 21.09 5.24 14.51
CA PRO A 14 20.06 4.74 15.43
C PRO A 14 19.70 5.77 16.49
N GLY A 15 18.45 5.73 16.92
CA GLY A 15 18.00 6.67 17.94
C GLY A 15 17.70 8.06 17.42
N GLY A 16 18.15 8.38 16.20
CA GLY A 16 17.92 9.70 15.62
C GLY A 16 16.50 9.88 15.11
N SER A 17 16.26 10.97 14.38
CA SER A 17 14.91 11.19 13.84
C SER A 17 14.87 12.00 12.53
N LEU A 18 13.71 11.94 11.87
CA LEU A 18 13.49 12.65 10.61
C LEU A 18 12.02 13.00 10.45
N ARG A 19 11.74 13.91 9.53
CA ARG A 19 10.36 14.31 9.25
C ARG A 19 10.16 14.15 7.75
N LEU A 20 9.27 13.24 7.35
CA LEU A 20 9.00 13.04 5.94
C LEU A 20 7.92 14.02 5.54
N SER A 21 7.93 14.39 4.28
CA SER A 21 6.98 15.34 3.72
C SER A 21 6.34 14.73 2.48
N CYS A 22 5.11 15.11 2.19
CA CYS A 22 4.41 14.64 1.02
C CYS A 22 3.62 15.80 0.46
N ALA A 23 4.19 16.46 -0.55
CA ALA A 23 3.54 17.59 -1.19
C ALA A 23 2.61 17.05 -2.27
N THR A 24 1.42 17.64 -2.35
CA THR A 24 0.42 17.18 -3.31
C THR A 24 -0.30 18.29 -4.06
N SER A 25 -0.90 17.94 -5.19
CA SER A 25 -1.65 18.88 -5.98
C SER A 25 -2.58 18.08 -6.88
N GLY A 26 -3.50 18.78 -7.54
CA GLY A 26 -4.43 18.13 -8.45
C GLY A 26 -5.75 17.64 -7.85
N PHE A 27 -5.97 17.91 -6.57
CA PHE A 27 -7.20 17.49 -5.89
C PHE A 27 -7.44 18.26 -4.60
N THR A 28 -8.68 18.28 -4.14
CA THR A 28 -9.05 18.98 -2.91
C THR A 28 -8.60 18.14 -1.71
N PHE A 29 -7.36 18.39 -1.30
CA PHE A 29 -6.68 17.68 -0.20
C PHE A 29 -7.56 17.25 0.98
N THR A 30 -8.13 18.19 1.72
CA THR A 30 -8.95 17.86 2.89
C THR A 30 -10.01 16.78 2.74
N ASN A 31 -10.40 16.45 1.50
CA ASN A 31 -11.42 15.44 1.31
C ASN A 31 -10.93 14.01 1.08
N TYR A 32 -9.63 13.75 1.26
CA TYR A 32 -9.14 12.40 1.04
C TYR A 32 -8.30 11.82 2.17
N TYR A 33 -8.29 10.50 2.23
CA TYR A 33 -7.49 9.80 3.23
C TYR A 33 -6.07 9.87 2.69
N MET A 34 -5.11 9.89 3.59
CA MET A 34 -3.70 9.93 3.22
C MET A 34 -3.02 8.87 4.06
N ASN A 35 -1.99 8.24 3.53
CA ASN A 35 -1.29 7.18 4.25
C ASN A 35 0.19 7.16 4.01
N TRP A 36 0.89 6.46 4.90
CA TRP A 36 2.33 6.26 4.80
C TRP A 36 2.54 4.75 4.83
N VAL A 37 3.21 4.24 3.80
CA VAL A 37 3.52 2.83 3.68
C VAL A 37 5.01 2.71 3.39
N ARG A 38 5.66 1.70 3.94
CA ARG A 38 7.08 1.57 3.69
C ARG A 38 7.42 0.16 3.20
N GLN A 39 8.59 0.04 2.59
CA GLN A 39 9.03 -1.25 2.09
C GLN A 39 10.51 -1.43 2.31
N PRO A 40 10.88 -2.29 3.28
CA PRO A 40 12.31 -2.53 3.54
C PRO A 40 12.88 -3.15 2.28
N PRO A 41 14.18 -3.01 2.07
CA PRO A 41 14.75 -3.61 0.86
C PRO A 41 14.37 -5.04 0.50
N GLY A 42 14.31 -6.02 1.40
CA GLY A 42 13.86 -7.28 0.85
C GLY A 42 12.45 -6.87 0.67
N LYS A 43 11.68 -7.39 1.47
CA LYS A 43 10.33 -7.10 1.84
C LYS A 43 9.27 -6.23 1.27
N ALA A 44 8.21 -6.79 1.82
CA ALA A 44 6.77 -6.59 1.72
C ALA A 44 6.27 -5.23 2.17
N LEU A 45 5.34 -4.70 1.39
CA LEU A 45 4.71 -3.42 1.74
C LEU A 45 4.20 -3.55 3.18
N GLU A 46 4.28 -2.49 3.95
CA GLU A 46 3.83 -2.47 5.34
C GLU A 46 3.11 -1.15 5.61
N TRP A 47 1.87 -1.25 6.07
CA TRP A 47 1.09 -0.07 6.39
C TRP A 47 1.59 0.45 7.73
N LEU A 48 1.82 1.76 7.81
CA LEU A 48 2.32 2.36 9.05
C LEU A 48 1.30 3.26 9.75
N VAL A 49 0.92 4.33 9.07
CA VAL A 49 -0.02 5.29 9.62
C VAL A 49 -1.02 5.65 8.56
N SER A 50 -2.11 6.25 9.01
CA SER A 50 -3.17 6.63 8.12
C SER A 50 -4.01 7.73 8.76
N ILE A 51 -4.48 8.68 7.95
CA ILE A 51 -5.31 9.75 8.49
C ILE A 51 -6.45 10.06 7.52
N ARG A 52 -7.66 10.05 8.03
CA ARG A 52 -8.84 10.29 7.24
C ARG A 52 -9.10 11.74 6.85
N ASN A 53 -10.15 11.94 6.05
CA ASN A 53 -10.52 13.25 5.55
C ASN A 53 -11.33 14.06 6.56
N LYS A 54 -11.77 15.25 6.14
CA LYS A 54 -12.52 16.14 7.02
C LYS A 54 -13.88 15.57 7.46
N ALA A 55 -14.60 14.93 6.54
CA ALA A 55 -15.90 14.35 6.85
C ALA A 55 -15.79 13.28 7.94
N ASN A 56 -14.56 12.84 8.21
CA ASN A 56 -14.32 11.81 9.21
C ASN A 56 -13.50 12.33 10.39
N GLY A 57 -13.48 13.65 10.55
CA GLY A 57 -12.75 14.27 11.64
C GLY A 57 -11.24 14.08 11.64
N TYR A 58 -10.65 13.81 10.48
CA TYR A 58 -9.20 13.62 10.39
C TYR A 58 -8.67 12.57 11.36
N THR A 59 -9.47 11.56 11.64
CA THR A 59 -9.07 10.50 12.55
C THR A 59 -7.83 9.79 12.04
N THR A 60 -7.07 9.20 12.94
CA THR A 60 -5.86 8.50 12.55
C THR A 60 -5.82 7.12 13.15
N ASP A 61 -4.97 6.27 12.59
CA ASP A 61 -4.77 4.91 13.06
C ASP A 61 -3.33 4.50 12.75
N TYR A 62 -2.63 4.04 13.79
CA TYR A 62 -1.23 3.66 13.67
C TYR A 62 -0.98 2.17 13.82
N SER A 63 0.13 1.73 13.24
CA SER A 63 0.53 0.34 13.33
C SER A 63 1.31 0.26 14.64
N ALA A 64 1.06 -0.79 15.41
CA ALA A 64 1.74 -0.96 16.69
C ALA A 64 3.24 -0.72 16.58
N SER A 65 3.83 -1.27 15.52
CA SER A 65 5.25 -1.15 15.27
C SER A 65 5.80 0.27 15.44
N VAL A 66 5.11 1.25 14.91
CA VAL A 66 5.56 2.65 14.99
C VAL A 66 4.78 3.47 16.04
N LYS A 67 3.89 2.80 16.76
CA LYS A 67 3.07 3.44 17.78
C LYS A 67 3.94 4.17 18.81
N GLY A 68 3.62 5.43 19.08
CA GLY A 68 4.36 6.19 20.07
C GLY A 68 5.74 6.71 19.67
N ARG A 69 6.17 6.43 18.45
CA ARG A 69 7.47 6.88 17.94
C ARG A 69 7.24 7.74 16.71
N PHE A 70 6.30 7.31 15.88
CA PHE A 70 5.93 8.01 14.66
C PHE A 70 4.64 8.76 14.93
N THR A 71 4.46 9.88 14.24
CA THR A 71 3.26 10.65 14.39
C THR A 71 2.98 11.29 13.03
N ILE A 72 1.76 11.09 12.54
CA ILE A 72 1.35 11.64 11.25
C ILE A 72 0.57 12.92 11.48
N SER A 73 0.60 13.79 10.48
CA SER A 73 -0.11 15.05 10.55
C SER A 73 -0.32 15.55 9.15
N ARG A 74 -1.25 16.47 8.98
CA ARG A 74 -1.51 17.01 7.67
C ARG A 74 -1.72 18.50 7.79
N ASP A 75 -1.16 19.22 6.83
CA ASP A 75 -1.29 20.66 6.76
C ASP A 75 -2.31 20.86 5.66
N ASN A 76 -3.56 21.10 6.03
CA ASN A 76 -4.61 21.27 5.04
C ASN A 76 -4.56 22.57 4.27
N SER A 77 -3.96 23.59 4.87
CA SER A 77 -3.83 24.87 4.18
C SER A 77 -2.92 24.70 2.97
N GLN A 78 -1.83 23.96 3.17
CA GLN A 78 -0.83 23.73 2.14
C GLN A 78 -0.98 22.43 1.35
N SER A 79 -1.88 21.55 1.79
CA SER A 79 -2.07 20.26 1.13
C SER A 79 -0.76 19.44 1.21
N ILE A 80 -0.27 19.24 2.43
CA ILE A 80 0.95 18.48 2.66
C ILE A 80 0.81 17.51 3.83
N LEU A 81 1.25 16.28 3.62
CA LEU A 81 1.20 15.25 4.65
C LEU A 81 2.62 15.15 5.20
N TYR A 82 2.75 14.85 6.49
CA TYR A 82 4.07 14.73 7.10
C TYR A 82 4.12 13.48 7.93
N LEU A 83 5.30 13.21 8.45
CA LEU A 83 5.51 12.06 9.31
C LEU A 83 6.73 12.35 10.17
N GLU A 84 6.51 12.51 11.47
CA GLU A 84 7.60 12.75 12.40
C GLU A 84 8.02 11.36 12.85
N MET A 85 9.29 11.04 12.70
CA MET A 85 9.81 9.73 13.07
C MET A 85 10.84 9.89 14.18
N ASN A 86 10.60 9.27 15.33
CA ASN A 86 11.55 9.36 16.44
C ASN A 86 12.13 8.00 16.80
N ASN A 87 13.23 8.01 17.54
CA ASN A 87 13.91 6.79 17.98
C ASN A 87 14.00 5.76 16.87
N LEU A 88 14.63 6.14 15.76
CA LEU A 88 14.74 5.24 14.63
C LEU A 88 15.74 4.10 14.87
N ARG A 89 15.53 3.00 14.15
CA ARG A 89 16.38 1.84 14.27
C ARG A 89 16.45 1.09 12.94
N ALA A 90 17.26 0.04 12.89
CA ALA A 90 17.45 -0.78 11.68
C ALA A 90 16.19 -1.16 10.91
N GLU A 91 15.19 -1.73 11.60
CA GLU A 91 13.96 -2.16 10.94
C GLU A 91 13.14 -1.01 10.38
N ASP A 92 13.67 0.21 10.46
CA ASP A 92 12.96 1.38 9.95
C ASP A 92 13.57 1.83 8.63
N SER A 93 14.68 1.20 8.24
CA SER A 93 15.34 1.55 7.00
C SER A 93 14.50 1.03 5.83
N ALA A 94 14.05 1.93 4.98
CA ALA A 94 13.23 1.54 3.83
C ALA A 94 12.83 2.72 2.98
N THR A 95 12.06 2.42 1.95
CA THR A 95 11.54 3.45 1.07
C THR A 95 10.15 3.73 1.65
N TYR A 96 9.84 5.00 1.88
CA TYR A 96 8.54 5.37 2.41
C TYR A 96 7.69 5.93 1.30
N TYR A 97 6.40 5.59 1.32
CA TYR A 97 5.47 6.03 0.29
C TYR A 97 4.25 6.71 0.90
N CYS A 98 3.82 7.81 0.30
CA CYS A 98 2.60 8.48 0.74
C CYS A 98 1.56 8.05 -0.29
N ALA A 99 0.29 7.98 0.11
CA ALA A 99 -0.75 7.56 -0.81
C ALA A 99 -2.10 8.16 -0.42
N ARG A 100 -2.94 8.44 -1.40
CA ARG A 100 -4.25 9.00 -1.10
C ARG A 100 -5.34 7.99 -1.46
N GLY A 101 -6.43 8.03 -0.71
CA GLY A 101 -7.54 7.12 -0.94
C GLY A 101 -8.33 7.37 -2.21
N TYR A 102 -9.41 6.60 -2.35
CA TYR A 102 -10.29 6.69 -3.51
C TYR A 102 -11.71 6.79 -2.96
N GLY A 103 -12.49 7.72 -3.49
CA GLY A 103 -13.84 7.90 -2.99
C GLY A 103 -14.78 6.70 -3.07
N TYR A 104 -14.56 5.82 -4.04
CA TYR A 104 -15.41 4.66 -4.18
C TYR A 104 -15.05 3.51 -3.25
N GLY A 105 -14.07 3.71 -2.38
CA GLY A 105 -13.71 2.68 -1.43
C GLY A 105 -12.37 1.99 -1.60
N ALA A 106 -11.30 2.76 -1.63
CA ALA A 106 -9.97 2.18 -1.77
C ALA A 106 -8.91 3.03 -1.09
N TRP A 107 -7.94 2.35 -0.49
CA TRP A 107 -6.81 3.02 0.16
C TRP A 107 -5.69 3.01 -0.90
N PHE A 108 -4.80 3.98 -0.85
CA PHE A 108 -3.69 3.96 -1.82
C PHE A 108 -4.08 3.84 -3.30
N ALA A 109 -4.93 4.75 -3.77
CA ALA A 109 -5.31 4.72 -5.17
C ALA A 109 -4.18 5.40 -5.96
N TYR A 110 -3.45 6.31 -5.29
CA TYR A 110 -2.33 7.01 -5.91
C TYR A 110 -1.14 7.00 -4.94
N TRP A 111 0.05 6.81 -5.50
CA TRP A 111 1.26 6.75 -4.70
C TRP A 111 2.30 7.74 -5.18
N GLY A 112 3.11 8.23 -4.24
CA GLY A 112 4.19 9.12 -4.59
C GLY A 112 5.35 8.21 -4.96
N GLN A 113 6.42 8.78 -5.51
CA GLN A 113 7.56 7.98 -5.88
C GLN A 113 8.37 7.45 -4.69
N GLY A 114 8.04 7.90 -3.49
CA GLY A 114 8.72 7.46 -2.28
C GLY A 114 10.14 7.96 -2.10
N THR A 115 10.58 8.09 -0.83
CA THR A 115 11.94 8.52 -0.52
C THR A 115 12.64 7.47 0.35
N LEU A 116 13.96 7.43 0.29
CA LEU A 116 14.72 6.44 1.05
C LEU A 116 15.18 6.86 2.44
N VAL A 117 15.16 5.90 3.35
CA VAL A 117 15.60 6.11 4.72
C VAL A 117 16.55 4.96 5.06
N THR A 118 17.78 5.30 5.42
CA THR A 118 18.78 4.31 5.77
C THR A 118 19.26 4.58 7.19
N VAL A 119 19.11 3.59 8.04
CA VAL A 119 19.54 3.66 9.43
C VAL A 119 20.74 2.67 9.66
N SER A 120 21.67 2.93 10.64
CA SER A 120 22.83 2.00 10.96
C SER A 120 24.26 2.55 11.29
N ALA A 121 24.59 3.62 11.99
CA ALA A 121 26.04 3.82 11.98
C ALA A 121 26.73 2.86 12.94
N GLN B 1 -4.11 -8.70 14.96
CA GLN B 1 -3.60 -8.54 13.57
C GLN B 1 -4.09 -9.64 12.62
N VAL B 2 -4.89 -9.24 11.64
CA VAL B 2 -5.40 -10.19 10.65
C VAL B 2 -4.26 -10.53 9.72
N LEU B 3 -3.88 -11.79 9.64
CA LEU B 3 -2.80 -12.17 8.75
C LEU B 3 -3.28 -12.45 7.32
N MET B 4 -2.47 -11.99 6.36
CA MET B 4 -2.75 -12.18 4.95
C MET B 4 -1.74 -13.14 4.37
N THR B 5 -2.16 -14.35 4.06
CA THR B 5 -1.26 -15.34 3.50
C THR B 5 -1.40 -15.41 1.98
N GLN B 6 -0.33 -15.06 1.28
CA GLN B 6 -0.33 -15.03 -0.17
C GLN B 6 0.33 -16.29 -0.77
N THR B 7 -0.22 -16.79 -1.86
CA THR B 7 0.33 -17.98 -2.50
C THR B 7 0.10 -18.02 -4.00
N PRO B 8 1.10 -18.44 -4.78
CA PRO B 8 2.43 -18.87 -4.32
C PRO B 8 3.34 -17.69 -4.04
N LEU B 9 4.61 -17.97 -3.77
CA LEU B 9 5.59 -16.93 -3.52
C LEU B 9 6.20 -16.55 -4.86
N SER B 10 6.39 -17.55 -5.71
CA SER B 10 6.94 -17.37 -7.05
C SER B 10 6.02 -18.02 -8.06
N LEU B 11 5.60 -17.25 -9.05
CA LEU B 11 4.73 -17.77 -10.09
C LEU B 11 5.36 -17.53 -11.47
N PRO B 12 6.09 -18.53 -11.98
CA PRO B 12 6.73 -18.42 -13.29
C PRO B 12 5.66 -18.63 -14.34
N VAL B 13 5.59 -17.74 -15.31
CA VAL B 13 4.57 -17.88 -16.34
C VAL B 13 5.16 -17.68 -17.71
N SER B 14 4.37 -17.96 -18.71
CA SER B 14 4.78 -17.77 -20.09
C SER B 14 3.85 -16.67 -20.57
N LEU B 15 4.37 -15.73 -21.35
CA LEU B 15 3.55 -14.64 -21.86
C LEU B 15 2.34 -15.19 -22.59
N GLY B 16 1.15 -14.70 -22.24
CA GLY B 16 -0.06 -15.15 -22.89
C GLY B 16 -0.85 -16.25 -22.17
N ASP B 17 -0.34 -16.70 -21.04
CA ASP B 17 -1.02 -17.74 -20.28
C ASP B 17 -1.82 -17.13 -19.14
N GLN B 18 -2.80 -17.88 -18.65
CA GLN B 18 -3.59 -17.38 -17.56
C GLN B 18 -2.72 -17.55 -16.32
N ALA B 19 -3.07 -16.85 -15.26
CA ALA B 19 -2.32 -16.95 -14.02
C ALA B 19 -3.23 -16.51 -12.89
N SER B 20 -3.18 -17.23 -11.79
CA SER B 20 -3.98 -16.93 -10.63
C SER B 20 -3.11 -16.79 -9.41
N ILE B 21 -3.42 -15.78 -8.59
CA ILE B 21 -2.70 -15.56 -7.35
C ILE B 21 -3.80 -15.64 -6.32
N SER B 22 -3.49 -16.13 -5.13
CA SER B 22 -4.50 -16.24 -4.09
C SER B 22 -4.03 -15.63 -2.78
N CYS B 23 -4.99 -15.26 -1.95
CA CYS B 23 -4.71 -14.66 -0.66
C CYS B 23 -5.36 -15.45 0.47
N ARG B 24 -4.99 -15.12 1.70
CA ARG B 24 -6.03 -16.03 2.64
C ARG B 24 -5.98 -15.15 3.89
N SER B 25 -7.12 -14.60 4.31
CA SER B 25 -7.13 -13.78 5.52
C SER B 25 -7.35 -14.76 6.67
N SER B 26 -6.91 -14.40 7.89
CA SER B 26 -7.07 -15.30 9.03
C SER B 26 -8.40 -15.14 9.75
N GLN B 27 -9.17 -14.14 9.36
CA GLN B 27 -10.47 -13.87 9.96
C GLN B 27 -11.27 -13.18 8.89
N SER B 28 -12.54 -12.91 9.20
CA SER B 28 -13.39 -12.20 8.27
C SER B 28 -12.71 -10.86 8.05
N ILE B 29 -13.02 -10.21 6.95
CA ILE B 29 -12.43 -8.94 6.59
C ILE B 29 -13.51 -7.91 6.31
N VAL B 30 -14.74 -8.22 6.73
CA VAL B 30 -15.88 -7.34 6.53
C VAL B 30 -15.82 -6.14 7.46
N HIS B 31 -15.67 -4.95 6.90
CA HIS B 31 -15.64 -3.72 7.70
C HIS B 31 -17.02 -3.58 8.34
N SER B 32 -17.12 -2.81 9.42
CA SER B 32 -18.41 -2.64 10.09
C SER B 32 -19.45 -1.93 9.21
N ASN B 33 -19.01 -1.22 8.18
CA ASN B 33 -19.96 -0.53 7.32
C ASN B 33 -20.50 -1.46 6.24
N GLY B 34 -20.02 -2.71 6.25
CA GLY B 34 -20.48 -3.68 5.28
C GLY B 34 -19.54 -4.05 4.15
N ASN B 35 -18.66 -3.13 3.77
CA ASN B 35 -17.71 -3.37 2.69
C ASN B 35 -16.55 -4.26 3.11
N THR B 36 -15.93 -4.90 2.14
CA THR B 36 -14.76 -5.74 2.38
C THR B 36 -13.70 -5.00 1.59
N TYR B 37 -12.83 -4.29 2.31
CA TYR B 37 -11.79 -3.53 1.66
C TYR B 37 -10.57 -4.36 1.33
N LEU B 38 -10.75 -5.28 0.38
CA LEU B 38 -9.65 -6.12 -0.05
C LEU B 38 -9.19 -5.62 -1.42
N GLU B 39 -7.94 -5.19 -1.52
CA GLU B 39 -7.44 -4.69 -2.80
C GLU B 39 -6.25 -5.51 -3.28
N TRP B 40 -5.92 -5.31 -4.57
CA TRP B 40 -4.67 -5.97 -5.07
C TRP B 40 -3.76 -4.91 -5.62
N TYR B 41 -2.46 -5.12 -5.43
CA TYR B 41 -1.45 -4.18 -5.92
C TYR B 41 -0.40 -4.82 -6.78
N LEU B 42 0.23 -4.00 -7.62
CA LEU B 42 1.27 -4.46 -8.51
C LEU B 42 2.45 -3.50 -8.45
N GLN B 43 3.60 -4.01 -8.01
CA GLN B 43 4.79 -3.19 -7.95
C GLN B 43 5.78 -3.65 -9.00
N LYS B 44 5.91 -2.87 -10.08
CA LYS B 44 6.85 -3.20 -11.13
C LYS B 44 8.25 -2.83 -10.65
N PRO B 45 9.28 -3.52 -11.15
CA PRO B 45 10.66 -3.26 -10.75
C PRO B 45 11.08 -1.78 -10.78
N GLY B 46 11.44 -1.26 -9.62
CA GLY B 46 11.86 0.12 -9.53
C GLY B 46 10.75 1.15 -9.40
N GLN B 47 9.52 0.76 -9.73
CA GLN B 47 8.38 1.66 -9.63
C GLN B 47 7.68 1.54 -8.29
N SER B 48 6.70 2.41 -8.07
CA SER B 48 5.93 2.39 -6.84
C SER B 48 4.69 1.55 -7.11
N PRO B 49 4.09 0.96 -6.07
CA PRO B 49 2.89 0.14 -6.27
C PRO B 49 1.75 0.83 -7.03
N LYS B 50 0.92 0.00 -7.66
CA LYS B 50 -0.22 0.50 -8.41
C LYS B 50 -1.47 -0.29 -8.03
N LEU B 51 -2.58 0.43 -7.89
CA LEU B 51 -3.85 -0.16 -7.51
C LEU B 51 -4.48 -0.90 -8.69
N LEU B 52 -4.82 -2.17 -8.47
CA LEU B 52 -5.44 -3.00 -9.50
C LEU B 52 -6.92 -3.20 -9.24
N ILE B 53 -7.24 -3.75 -8.07
CA ILE B 53 -8.60 -4.08 -7.69
C ILE B 53 -8.91 -3.60 -6.28
N TYR B 54 -10.10 -3.05 -6.06
CA TYR B 54 -10.50 -2.61 -4.72
C TYR B 54 -11.82 -3.29 -4.35
N LYS B 55 -12.11 -3.33 -3.05
CA LYS B 55 -13.33 -3.95 -2.55
C LYS B 55 -13.56 -5.31 -3.19
N VAL B 56 -12.51 -6.16 -3.12
CA VAL B 56 -12.58 -7.52 -3.63
C VAL B 56 -13.09 -7.63 -5.04
N SER B 57 -12.68 -6.95 -6.05
CA SER B 57 -13.54 -7.31 -7.16
C SER B 57 -13.82 -6.13 -8.08
N ASN B 58 -13.60 -4.90 -7.63
CA ASN B 58 -13.80 -3.76 -8.47
C ASN B 58 -12.50 -3.34 -9.13
N ARG B 59 -12.41 -3.52 -10.44
CA ARG B 59 -11.20 -3.16 -11.18
C ARG B 59 -11.04 -1.64 -11.24
N PHE B 60 -9.94 -1.14 -10.71
CA PHE B 60 -9.66 0.28 -10.71
C PHE B 60 -9.54 0.82 -12.14
N SER B 61 -10.06 2.02 -12.37
CA SER B 61 -10.03 2.65 -13.69
C SER B 61 -8.64 2.78 -14.28
N GLY B 62 -8.51 2.40 -15.55
CA GLY B 62 -7.22 2.47 -16.21
C GLY B 62 -6.45 1.15 -16.18
N VAL B 63 -6.92 0.22 -15.36
CA VAL B 63 -6.28 -1.09 -15.24
C VAL B 63 -6.75 -1.98 -16.38
N PRO B 64 -5.83 -2.70 -17.03
CA PRO B 64 -6.18 -3.59 -18.16
C PRO B 64 -7.25 -4.58 -17.71
N ASP B 65 -8.28 -4.77 -18.53
CA ASP B 65 -9.35 -5.69 -18.16
C ASP B 65 -8.95 -7.16 -18.18
N ARG B 66 -7.65 -7.44 -18.23
CA ARG B 66 -7.21 -8.82 -18.18
C ARG B 66 -7.06 -9.16 -16.70
N PHE B 67 -7.21 -8.14 -15.87
CA PHE B 67 -7.13 -8.29 -14.43
C PHE B 67 -8.55 -8.40 -13.87
N SER B 68 -8.71 -9.25 -12.86
CA SER B 68 -10.00 -9.43 -12.23
C SER B 68 -9.78 -10.03 -10.84
N GLY B 69 -10.64 -9.68 -9.89
CA GLY B 69 -10.52 -10.20 -8.56
C GLY B 69 -11.82 -10.83 -8.11
N SER B 70 -11.74 -11.77 -7.16
CA SER B 70 -12.93 -12.43 -6.65
C SER B 70 -12.63 -13.12 -5.33
N GLY B 71 -13.66 -13.65 -4.70
CA GLY B 71 -13.46 -14.35 -3.45
C GLY B 71 -14.64 -14.25 -2.51
N SER B 72 -14.56 -14.95 -1.39
CA SER B 72 -15.61 -14.95 -0.38
C SER B 72 -15.04 -15.48 0.93
N GLY B 73 -15.59 -14.98 2.03
CA GLY B 73 -15.14 -15.41 3.35
C GLY B 73 -13.72 -14.93 3.59
N THR B 74 -12.76 -15.84 3.51
CA THR B 74 -11.37 -15.48 3.72
C THR B 74 -10.49 -15.88 2.55
N ASP B 75 -11.13 -16.24 1.44
CA ASP B 75 -10.42 -16.66 0.22
C ASP B 75 -10.59 -15.67 -0.91
N PHE B 76 -9.49 -15.08 -1.37
CA PHE B 76 -9.56 -14.12 -2.45
C PHE B 76 -8.56 -14.43 -3.55
N THR B 77 -9.01 -14.33 -4.80
CA THR B 77 -8.16 -14.64 -5.94
C THR B 77 -8.07 -13.51 -6.92
N LEU B 78 -6.85 -13.27 -7.41
CA LEU B 78 -6.60 -12.22 -8.40
C LEU B 78 -6.22 -13.00 -9.66
N LYS B 79 -6.98 -12.79 -10.73
CA LYS B 79 -6.72 -13.52 -11.97
C LYS B 79 -6.25 -12.62 -13.12
N ILE B 80 -5.28 -13.12 -13.88
CA ILE B 80 -4.78 -12.40 -15.05
C ILE B 80 -4.98 -13.39 -16.19
N SER B 81 -5.90 -13.09 -17.10
CA SER B 81 -6.19 -13.99 -18.20
C SER B 81 -5.11 -14.10 -19.28
N ARG B 82 -4.37 -13.03 -19.55
CA ARG B 82 -3.36 -13.05 -20.59
C ARG B 82 -2.15 -12.21 -20.18
N VAL B 83 -1.19 -12.85 -19.52
CA VAL B 83 -0.01 -12.16 -19.04
C VAL B 83 0.82 -11.44 -20.09
N GLU B 84 1.00 -10.15 -19.88
CA GLU B 84 1.78 -9.30 -20.78
C GLU B 84 3.11 -9.01 -20.08
N ALA B 85 4.14 -8.68 -20.86
CA ALA B 85 5.44 -8.36 -20.29
C ALA B 85 5.29 -7.29 -19.23
N GLU B 86 4.43 -6.31 -19.50
CA GLU B 86 4.19 -5.21 -18.57
C GLU B 86 3.53 -5.64 -17.25
N ASP B 87 3.03 -6.87 -17.18
CA ASP B 87 2.40 -7.34 -15.96
C ASP B 87 3.41 -7.99 -15.02
N LEU B 88 4.65 -8.12 -15.46
CA LEU B 88 5.66 -8.73 -14.60
C LEU B 88 6.04 -7.86 -13.41
N GLY B 89 6.07 -8.48 -12.22
CA GLY B 89 6.41 -7.74 -11.02
C GLY B 89 5.98 -8.47 -9.76
N VAL B 90 5.78 -7.70 -8.69
CA VAL B 90 5.36 -8.27 -7.41
C VAL B 90 3.94 -7.82 -7.09
N TYR B 91 3.06 -8.80 -6.85
CA TYR B 91 1.65 -8.53 -6.52
C TYR B 91 1.40 -8.61 -5.04
N TYR B 92 0.64 -7.67 -4.52
CA TYR B 92 0.33 -7.70 -3.08
C TYR B 92 -1.16 -7.58 -2.85
N CYS B 93 -1.69 -8.43 -1.99
CA CYS B 93 -3.09 -8.31 -1.66
C CYS B 93 -3.04 -7.48 -0.37
N PHE B 94 -4.14 -6.81 -0.05
CA PHE B 94 -4.15 -5.99 1.16
C PHE B 94 -5.54 -5.84 1.75
N GLN B 95 -5.64 -5.92 3.07
CA GLN B 95 -6.92 -5.73 3.72
C GLN B 95 -6.89 -4.42 4.51
N GLY B 96 -7.86 -3.56 4.21
CA GLY B 96 -7.96 -2.28 4.88
C GLY B 96 -9.27 -2.18 5.63
N SER B 97 -9.68 -3.30 6.22
CA SER B 97 -10.93 -3.32 6.97
C SER B 97 -10.65 -3.22 8.46
N HIS B 98 -9.75 -4.06 8.96
CA HIS B 98 -9.42 -4.06 10.38
C HIS B 98 -8.01 -3.56 10.66
N VAL B 99 -7.87 -2.77 11.73
CA VAL B 99 -6.60 -2.19 12.15
C VAL B 99 -5.88 -3.21 13.04
N PRO B 100 -4.57 -3.41 12.80
CA PRO B 100 -3.70 -2.78 11.80
C PRO B 100 -3.87 -3.33 10.38
N TYR B 101 -3.92 -2.43 9.40
CA TYR B 101 -4.05 -2.85 8.01
C TYR B 101 -2.81 -3.60 7.55
N THR B 102 -2.94 -4.60 6.73
CA THR B 102 -2.09 -5.71 6.44
C THR B 102 -1.96 -6.08 4.96
N PHE B 103 -0.73 -6.34 4.52
CA PHE B 103 -0.47 -6.75 3.14
C PHE B 103 -0.07 -8.21 3.18
N GLY B 104 -0.12 -8.87 2.02
CA GLY B 104 0.32 -10.24 1.94
C GLY B 104 1.83 -10.17 1.76
N GLY B 105 2.51 -11.31 1.77
CA GLY B 105 3.95 -11.32 1.59
C GLY B 105 4.41 -10.97 0.19
N GLY B 106 3.48 -10.92 -0.76
CA GLY B 106 3.83 -10.61 -2.14
C GLY B 106 4.04 -11.84 -3.01
N THR B 107 3.72 -11.73 -4.30
CA THR B 107 3.90 -12.85 -5.22
C THR B 107 4.62 -12.31 -6.44
N LYS B 108 5.80 -12.87 -6.72
CA LYS B 108 6.59 -12.42 -7.86
C LYS B 108 6.23 -13.13 -9.15
N LEU B 109 5.59 -12.41 -10.06
CA LEU B 109 5.21 -12.98 -11.34
C LEU B 109 6.41 -12.73 -12.25
N GLU B 110 7.05 -13.79 -12.73
CA GLU B 110 8.21 -13.65 -13.60
C GLU B 110 8.19 -14.55 -14.83
N ILE B 111 9.03 -14.21 -15.81
CA ILE B 111 9.13 -14.97 -17.04
C ILE B 111 9.64 -16.38 -16.74
N LYS B 112 8.96 -17.37 -17.30
CA LYS B 112 9.34 -18.76 -17.12
C LYS B 112 10.50 -19.04 -18.06
N ARG B 113 11.56 -19.66 -17.55
CA ARG B 113 12.72 -19.97 -18.38
C ARG B 113 12.62 -21.38 -18.94
CAC PHX C . -10.58 4.86 1.85
CAB PHX C . -10.63 3.36 2.43
CAM PHX C . -11.99 2.59 2.82
CAQ PHX C . -13.15 3.48 2.47
CAR PHX C . -13.14 4.97 1.89
CAN PHX C . -11.80 5.69 1.61
CAO PHX C . -11.97 6.80 1.40
NAD PHX C . -12.92 7.77 0.94
OAS PHX C . -10.63 7.28 1.12
CAT PHX C . -10.77 8.69 0.52
OAU PHX C . -9.86 9.51 0.43
CAE PHX C . -12.28 9.07 0.28
CAF PHX C . -12.86 10.04 0.32
NAG PHX C . -13.63 10.54 -0.84
CAH PHX C . -14.34 11.89 -0.63
CAI PHX C . -14.57 12.79 -1.83
CAJ PHX C . -14.13 12.47 -3.23
CAK PHX C . -14.61 11.93 -4.58
OAL PHX C . -14.38 12.85 -5.48
OAP PHX C . -14.07 10.68 -4.92
#